data_1IA2
#
_entry.id   1IA2
#
_cell.length_a   76.91
_cell.length_b   67.28
_cell.length_c   38.49
_cell.angle_alpha   90.00
_cell.angle_beta   93.07
_cell.angle_gamma   90.00
#
_symmetry.space_group_name_H-M   'P 1 21 1'
#
loop_
_entity.id
_entity.type
_entity.pdbx_description
1 polymer 'DIHYDROFOLATE REDUCTASE'
2 non-polymer 'NADPH DIHYDRO-NICOTINAMIDE-ADENINE-DINUCLEOTIDE PHOSPHATE'
3 non-polymer 5-[(4-METHYLPHENYL)SULFANYL]-2,4-QUINAZOLINEDIAMINE
4 non-polymer '2-(N-MORPHOLINO)-ETHANESULFONIC ACID'
5 water water
#
_entity_poly.entity_id   1
_entity_poly.type   'polypeptide(L)'
_entity_poly.pdbx_seq_one_letter_code
;MLKPNVAIIVAALKPALGIGYKGKMPWRLRKEIRYFKDVTTRTTKPNTRNAVIMGRKTWESIPQKFRPLPDRLNIILSRS
YENEIIDDNIIHASSIESSLNLVSDVERVFIIGGAEIYNELINNSLVSHLLITEIEHPSPESIEMDTFLKFPLESWTKQP
KSELQKFVGDTVLEDDIKEGDFTYNYTLWTRK
;
_entity_poly.pdbx_strand_id   A,B
#
loop_
_chem_comp.id
_chem_comp.type
_chem_comp.name
_chem_comp.formula
MES non-polymer '2-(N-MORPHOLINO)-ETHANESULFONIC ACID' 'C6 H13 N O4 S'
NDP non-polymer 'NADPH DIHYDRO-NICOTINAMIDE-ADENINE-DINUCLEOTIDE PHOSPHATE' 'C21 H30 N7 O17 P3'
TQ4 non-polymer 5-[(4-METHYLPHENYL)SULFANYL]-2,4-QUINAZOLINEDIAMINE 'C15 H14 N4 S'
#
# COMPACT_ATOMS: atom_id res chain seq x y z
N MET A 1 15.19 -8.14 -4.12
CA MET A 1 14.51 -7.20 -3.19
C MET A 1 13.05 -7.67 -3.07
N LEU A 2 12.53 -7.81 -1.84
CA LEU A 2 11.15 -8.29 -1.72
C LEU A 2 10.08 -7.20 -1.69
N LYS A 3 9.10 -7.39 -2.52
CA LYS A 3 7.88 -6.58 -2.64
C LYS A 3 8.03 -5.10 -2.41
N PRO A 4 8.93 -4.47 -3.20
CA PRO A 4 9.10 -2.99 -3.11
C PRO A 4 7.82 -2.30 -3.61
N ASN A 5 7.66 -1.07 -3.16
CA ASN A 5 6.54 -0.19 -3.67
C ASN A 5 7.06 0.26 -5.07
N VAL A 6 6.20 0.31 -6.06
CA VAL A 6 6.71 0.73 -7.41
C VAL A 6 5.93 1.99 -7.79
N ALA A 7 6.57 2.88 -8.64
CA ALA A 7 5.80 4.04 -9.07
C ALA A 7 5.77 4.10 -10.62
N ILE A 8 4.67 4.54 -11.17
CA ILE A 8 4.59 4.72 -12.64
C ILE A 8 4.91 6.28 -12.85
N ILE A 9 5.73 6.52 -13.88
CA ILE A 9 5.95 8.00 -14.18
C ILE A 9 5.66 8.15 -15.67
N VAL A 10 4.77 9.10 -15.99
CA VAL A 10 4.33 9.31 -17.40
C VAL A 10 3.92 10.76 -17.62
N ALA A 11 3.91 11.21 -18.85
CA ALA A 11 3.42 12.54 -19.22
C ALA A 11 2.24 12.33 -20.16
N ALA A 12 1.09 12.88 -19.89
CA ALA A 12 -0.08 12.67 -20.75
C ALA A 12 -0.89 13.94 -20.99
N LEU A 13 -1.40 13.97 -22.21
CA LEU A 13 -2.24 15.06 -22.72
C LEU A 13 -3.71 14.86 -22.37
N LYS A 14 -4.24 15.82 -21.65
CA LYS A 14 -5.67 15.83 -21.27
C LYS A 14 -6.50 16.33 -22.46
N PRO A 15 -7.76 15.96 -22.54
CA PRO A 15 -8.51 15.13 -21.59
C PRO A 15 -8.41 13.64 -21.78
N ALA A 16 -8.01 13.18 -22.93
CA ALA A 16 -7.93 11.77 -23.32
C ALA A 16 -6.85 10.95 -22.73
N LEU A 17 -5.75 11.57 -22.29
CA LEU A 17 -4.59 10.87 -21.74
C LEU A 17 -3.82 10.17 -22.82
N GLY A 18 -3.60 10.87 -23.93
CA GLY A 18 -2.81 10.45 -25.04
C GLY A 18 -1.32 10.54 -24.63
N ILE A 19 -0.54 9.58 -25.00
CA ILE A 19 0.90 9.55 -24.69
C ILE A 19 1.81 9.34 -25.88
N GLY A 20 1.28 9.08 -27.05
CA GLY A 20 2.15 8.82 -28.19
C GLY A 20 1.48 8.84 -29.55
N TYR A 21 2.37 8.71 -30.51
CA TYR A 21 2.00 8.69 -31.94
C TYR A 21 3.12 8.10 -32.77
N LYS A 22 2.79 6.97 -33.40
CA LYS A 22 3.75 6.27 -34.28
C LYS A 22 5.11 6.12 -33.63
N GLY A 23 5.07 5.58 -32.40
CA GLY A 23 6.22 5.29 -31.58
C GLY A 23 6.96 6.39 -30.90
N LYS A 24 6.49 7.62 -31.01
CA LYS A 24 7.12 8.79 -30.38
C LYS A 24 6.19 9.64 -29.57
N MET A 25 6.75 10.51 -28.73
CA MET A 25 5.96 11.48 -27.93
C MET A 25 5.63 12.61 -28.90
N PRO A 26 4.39 13.06 -28.87
CA PRO A 26 3.88 14.10 -29.76
C PRO A 26 4.21 15.53 -29.37
N TRP A 27 5.19 15.70 -28.52
CA TRP A 27 5.65 16.99 -27.97
C TRP A 27 7.11 16.83 -27.54
N ARG A 28 7.73 17.99 -27.32
CA ARG A 28 9.12 18.07 -26.83
C ARG A 28 9.03 19.19 -25.78
N LEU A 29 9.03 18.76 -24.56
CA LEU A 29 8.89 19.65 -23.37
C LEU A 29 10.19 19.46 -22.63
N ARG A 30 11.09 20.43 -22.87
CA ARG A 30 12.46 20.36 -22.28
C ARG A 30 12.45 20.36 -20.77
N LYS A 31 11.64 21.20 -20.13
CA LYS A 31 11.67 21.18 -18.66
C LYS A 31 11.14 19.85 -18.12
N GLU A 32 10.16 19.33 -18.77
CA GLU A 32 9.54 18.02 -18.33
C GLU A 32 10.57 16.94 -18.37
N ILE A 33 11.39 16.85 -19.42
CA ILE A 33 12.44 15.84 -19.51
C ILE A 33 13.42 15.98 -18.32
N ARG A 34 13.77 17.24 -18.03
CA ARG A 34 14.69 17.50 -16.89
C ARG A 34 14.08 17.00 -15.58
N TYR A 35 12.80 17.14 -15.37
CA TYR A 35 12.07 16.69 -14.16
C TYR A 35 12.15 15.13 -14.12
N PHE A 36 11.81 14.57 -15.25
CA PHE A 36 11.96 13.05 -15.32
C PHE A 36 13.32 12.61 -14.90
N LYS A 37 14.41 13.11 -15.47
CA LYS A 37 15.78 12.74 -15.10
C LYS A 37 16.02 12.91 -13.60
N ASP A 38 15.68 14.06 -13.04
CA ASP A 38 15.95 14.31 -11.60
C ASP A 38 15.21 13.36 -10.69
N VAL A 39 13.90 13.19 -10.99
CA VAL A 39 13.06 12.34 -10.05
C VAL A 39 13.55 10.91 -10.09
N THR A 40 13.81 10.44 -11.32
CA THR A 40 14.30 9.07 -11.52
C THR A 40 15.70 8.80 -11.00
N THR A 41 16.56 9.80 -10.88
CA THR A 41 17.94 9.60 -10.49
C THR A 41 18.22 9.82 -9.01
N ARG A 42 17.61 10.83 -8.44
CA ARG A 42 17.96 11.18 -7.03
C ARG A 42 17.53 10.14 -6.01
N THR A 43 18.41 9.98 -5.03
CA THR A 43 18.26 9.06 -3.89
C THR A 43 18.59 9.80 -2.60
N THR A 44 18.18 9.24 -1.47
CA THR A 44 18.41 9.88 -0.17
C THR A 44 19.38 9.08 0.69
N LYS A 45 19.40 7.80 0.48
CA LYS A 45 20.28 6.84 1.17
C LYS A 45 21.61 6.84 0.44
N PRO A 46 22.65 6.31 1.09
CA PRO A 46 24.00 6.36 0.61
C PRO A 46 24.51 5.60 -0.57
N ASN A 47 24.54 4.28 -0.47
CA ASN A 47 25.14 3.51 -1.61
C ASN A 47 24.04 2.90 -2.43
N THR A 48 22.99 3.73 -2.63
CA THR A 48 21.84 3.22 -3.42
C THR A 48 21.64 4.02 -4.70
N ARG A 49 20.83 3.42 -5.55
CA ARG A 49 20.39 3.98 -6.81
C ARG A 49 18.91 3.59 -7.00
N ASN A 50 18.35 4.18 -8.05
CA ASN A 50 16.93 3.82 -8.34
C ASN A 50 16.94 2.89 -9.61
N ALA A 51 15.80 2.25 -9.83
CA ALA A 51 15.73 1.35 -11.00
C ALA A 51 14.60 1.89 -11.87
N VAL A 52 14.84 1.79 -13.21
CA VAL A 52 13.80 2.20 -14.13
C VAL A 52 13.42 0.90 -14.94
N ILE A 53 12.14 0.72 -15.10
CA ILE A 53 11.67 -0.51 -15.91
C ILE A 53 10.91 0.03 -17.13
N MET A 54 11.25 -0.63 -18.24
CA MET A 54 10.63 -0.28 -19.53
C MET A 54 10.38 -1.56 -20.34
N GLY A 55 9.49 -1.41 -21.32
CA GLY A 55 9.23 -2.52 -22.27
C GLY A 55 10.26 -2.49 -23.37
N ARG A 56 10.46 -3.65 -24.04
CA ARG A 56 11.49 -3.84 -25.04
C ARG A 56 11.43 -2.80 -26.14
N LYS A 57 10.24 -2.46 -26.53
CA LYS A 57 10.05 -1.48 -27.65
C LYS A 57 10.59 -0.10 -27.28
N THR A 58 10.38 0.31 -26.06
CA THR A 58 10.91 1.61 -25.59
C THR A 58 12.42 1.59 -25.51
N TRP A 59 13.00 0.51 -24.97
CA TRP A 59 14.45 0.35 -24.86
C TRP A 59 15.02 0.56 -26.32
N GLU A 60 14.41 -0.20 -27.22
CA GLU A 60 14.83 -0.15 -28.60
C GLU A 60 14.73 1.19 -29.27
N SER A 61 13.86 2.06 -28.77
CA SER A 61 13.68 3.41 -29.27
C SER A 61 14.75 4.38 -28.81
N ILE A 62 15.56 3.96 -27.87
CA ILE A 62 16.63 4.91 -27.39
C ILE A 62 17.80 4.58 -28.35
N PRO A 63 18.42 5.64 -28.85
CA PRO A 63 19.60 5.45 -29.77
C PRO A 63 20.59 4.66 -28.97
N GLN A 64 21.17 3.66 -29.59
CA GLN A 64 22.10 2.71 -28.91
C GLN A 64 23.18 3.31 -28.11
N LYS A 65 23.64 4.49 -28.49
CA LYS A 65 24.73 5.24 -27.84
C LYS A 65 24.25 5.89 -26.54
N PHE A 66 22.96 6.06 -26.36
CA PHE A 66 22.34 6.71 -25.25
C PHE A 66 21.67 5.80 -24.22
N ARG A 67 21.91 4.52 -24.38
CA ARG A 67 21.42 3.48 -23.46
C ARG A 67 22.61 2.70 -22.93
N PRO A 68 22.59 2.30 -21.66
CA PRO A 68 21.45 2.47 -20.76
C PRO A 68 21.34 3.88 -20.22
N LEU A 69 20.12 4.21 -19.72
CA LEU A 69 19.97 5.56 -19.08
C LEU A 69 20.95 5.59 -17.93
N PRO A 70 21.77 6.66 -17.88
CA PRO A 70 22.82 6.74 -16.86
C PRO A 70 22.35 6.90 -15.45
N ASP A 71 23.11 6.41 -14.48
CA ASP A 71 22.95 6.57 -13.05
C ASP A 71 21.71 5.88 -12.45
N ARG A 72 21.13 4.99 -13.26
CA ARG A 72 19.94 4.24 -12.76
C ARG A 72 20.11 2.78 -13.26
N LEU A 73 19.59 1.88 -12.40
CA LEU A 73 19.61 0.44 -12.91
C LEU A 73 18.48 0.34 -13.91
N ASN A 74 18.75 -0.15 -15.15
CA ASN A 74 17.75 -0.25 -16.20
C ASN A 74 17.28 -1.77 -16.29
N ILE A 75 15.97 -1.83 -16.31
CA ILE A 75 15.37 -3.21 -16.38
C ILE A 75 14.51 -3.18 -17.67
N ILE A 76 14.77 -4.24 -18.43
CA ILE A 76 14.01 -4.28 -19.73
C ILE A 76 13.12 -5.55 -19.76
N LEU A 77 11.84 -5.37 -19.91
CA LEU A 77 10.98 -6.62 -19.94
C LEU A 77 10.61 -6.94 -21.43
N SER A 78 10.56 -8.27 -21.61
CA SER A 78 10.12 -8.85 -22.92
C SER A 78 9.67 -10.29 -22.50
N ARG A 79 8.57 -10.70 -23.09
CA ARG A 79 8.05 -12.09 -22.83
C ARG A 79 9.00 -13.13 -23.32
N SER A 80 9.93 -12.78 -24.22
CA SER A 80 10.95 -13.63 -24.77
C SER A 80 12.26 -13.67 -23.99
N TYR A 81 12.39 -12.87 -22.94
CA TYR A 81 13.64 -12.90 -22.16
C TYR A 81 13.73 -13.84 -20.99
N GLU A 82 14.95 -14.30 -20.80
CA GLU A 82 15.29 -15.11 -19.57
C GLU A 82 15.61 -14.09 -18.49
N ASN A 83 15.45 -14.45 -17.24
CA ASN A 83 15.78 -13.52 -16.12
C ASN A 83 17.30 -13.51 -16.05
N GLU A 84 17.94 -12.38 -16.38
CA GLU A 84 19.42 -12.41 -16.46
C GLU A 84 20.01 -11.03 -16.21
N ILE A 85 21.10 -11.04 -15.48
CA ILE A 85 21.87 -9.79 -15.21
C ILE A 85 22.88 -9.68 -16.39
N ILE A 86 22.67 -8.65 -17.20
CA ILE A 86 23.63 -8.40 -18.31
C ILE A 86 24.92 -7.79 -17.76
N ASP A 87 24.78 -6.69 -17.05
CA ASP A 87 25.94 -5.98 -16.43
C ASP A 87 25.39 -5.30 -15.17
N ASP A 88 26.23 -4.48 -14.56
CA ASP A 88 25.71 -3.80 -13.29
C ASP A 88 24.58 -2.83 -13.57
N ASN A 89 24.37 -2.41 -14.80
CA ASN A 89 23.34 -1.44 -15.16
C ASN A 89 22.16 -1.97 -15.93
N ILE A 90 22.23 -3.24 -16.40
CA ILE A 90 21.12 -3.74 -17.24
C ILE A 90 20.71 -5.20 -16.79
N ILE A 91 19.41 -5.26 -16.63
CA ILE A 91 18.74 -6.55 -16.28
C ILE A 91 17.70 -6.83 -17.36
N HIS A 92 17.59 -8.09 -17.72
CA HIS A 92 16.57 -8.63 -18.64
C HIS A 92 15.65 -9.50 -17.77
N ALA A 93 14.36 -9.41 -18.03
CA ALA A 93 13.37 -10.21 -17.28
C ALA A 93 12.09 -10.34 -18.07
N SER A 94 11.27 -11.37 -17.71
CA SER A 94 9.97 -11.54 -18.42
C SER A 94 8.83 -11.08 -17.54
N SER A 95 9.13 -10.72 -16.26
CA SER A 95 8.16 -10.16 -15.38
C SER A 95 8.76 -9.14 -14.39
N ILE A 96 7.88 -8.24 -13.97
CA ILE A 96 8.34 -7.20 -13.01
C ILE A 96 8.86 -7.85 -11.77
N GLU A 97 8.05 -8.74 -11.19
CA GLU A 97 8.46 -9.36 -9.92
C GLU A 97 9.69 -10.19 -9.99
N SER A 98 9.88 -10.93 -11.09
CA SER A 98 11.08 -11.70 -11.31
C SER A 98 12.29 -10.76 -11.43
N SER A 99 12.07 -9.60 -12.12
CA SER A 99 13.24 -8.68 -12.23
C SER A 99 13.72 -8.20 -10.85
N LEU A 100 12.79 -7.90 -9.96
CA LEU A 100 13.08 -7.35 -8.61
C LEU A 100 13.82 -8.28 -7.71
N ASN A 101 13.72 -9.58 -8.01
CA ASN A 101 14.42 -10.60 -7.20
C ASN A 101 15.92 -10.53 -7.43
N LEU A 102 16.32 -9.93 -8.54
CA LEU A 102 17.74 -9.82 -8.89
C LEU A 102 18.39 -8.53 -8.41
N VAL A 103 17.60 -7.68 -7.78
CA VAL A 103 18.13 -6.39 -7.30
C VAL A 103 18.38 -6.32 -5.81
N SER A 104 19.40 -5.53 -5.51
CA SER A 104 19.78 -5.16 -4.14
C SER A 104 20.27 -3.70 -4.20
N ASP A 105 20.21 -3.04 -3.08
CA ASP A 105 20.68 -1.66 -2.92
C ASP A 105 19.96 -0.71 -3.89
N VAL A 106 18.65 -0.94 -3.97
CA VAL A 106 17.83 -0.03 -4.86
C VAL A 106 16.93 0.75 -3.88
N GLU A 107 16.82 2.04 -4.10
CA GLU A 107 15.93 2.85 -3.26
C GLU A 107 14.52 2.87 -3.80
N ARG A 108 14.28 3.47 -4.96
CA ARG A 108 12.92 3.47 -5.54
C ARG A 108 12.93 2.80 -6.93
N VAL A 109 11.75 2.30 -7.29
CA VAL A 109 11.56 1.62 -8.58
C VAL A 109 10.54 2.39 -9.38
N PHE A 110 10.86 2.66 -10.67
CA PHE A 110 9.91 3.44 -11.47
C PHE A 110 9.61 2.67 -12.80
N ILE A 111 8.39 2.68 -13.19
CA ILE A 111 8.05 2.07 -14.56
C ILE A 111 7.97 3.30 -15.48
N ILE A 112 8.80 3.25 -16.53
CA ILE A 112 8.86 4.41 -17.43
C ILE A 112 8.16 4.30 -18.77
N GLY A 113 7.48 3.20 -19.04
CA GLY A 113 6.75 3.07 -20.32
C GLY A 113 7.20 1.78 -21.00
N GLY A 114 6.66 1.56 -22.21
CA GLY A 114 5.66 2.40 -22.86
C GLY A 114 4.25 1.92 -22.52
N ALA A 115 3.38 2.22 -23.46
CA ALA A 115 1.93 2.04 -23.35
C ALA A 115 1.43 0.66 -22.97
N GLU A 116 2.03 -0.35 -23.53
CA GLU A 116 1.63 -1.75 -23.22
C GLU A 116 2.00 -2.05 -21.76
N ILE A 117 3.23 -1.69 -21.47
CA ILE A 117 3.71 -1.83 -20.02
C ILE A 117 2.81 -1.12 -19.07
N TYR A 118 2.52 0.15 -19.30
CA TYR A 118 1.68 0.97 -18.45
C TYR A 118 0.29 0.37 -18.23
N ASN A 119 -0.35 0.05 -19.36
CA ASN A 119 -1.74 -0.46 -19.36
C ASN A 119 -1.90 -1.82 -18.72
N GLU A 120 -0.81 -2.56 -18.67
CA GLU A 120 -0.82 -3.90 -18.05
C GLU A 120 -0.41 -3.80 -16.57
N LEU A 121 0.66 -3.05 -16.26
CA LEU A 121 1.18 -2.93 -14.91
C LEU A 121 0.41 -2.08 -13.95
N ILE A 122 -0.51 -1.25 -14.46
CA ILE A 122 -1.36 -0.43 -13.61
C ILE A 122 -2.21 -1.34 -12.67
N ASN A 123 -2.50 -2.54 -13.12
CA ASN A 123 -3.31 -3.46 -12.28
C ASN A 123 -2.48 -4.30 -11.33
N ASN A 124 -1.20 -4.18 -11.33
CA ASN A 124 -0.31 -4.95 -10.42
C ASN A 124 -0.30 -4.23 -9.06
N SER A 125 -0.61 -5.00 -8.01
CA SER A 125 -0.66 -4.37 -6.65
C SER A 125 0.69 -3.89 -6.16
N LEU A 126 1.81 -4.18 -6.75
CA LEU A 126 3.13 -3.64 -6.39
C LEU A 126 3.14 -2.10 -6.69
N VAL A 127 2.33 -1.68 -7.62
CA VAL A 127 2.26 -0.25 -8.01
C VAL A 127 1.45 0.51 -6.99
N SER A 128 2.11 1.43 -6.26
CA SER A 128 1.50 2.20 -5.23
C SER A 128 1.34 3.70 -5.54
N HIS A 129 2.18 4.19 -6.45
CA HIS A 129 2.11 5.67 -6.72
C HIS A 129 2.16 5.93 -8.21
N LEU A 130 1.43 6.97 -8.67
CA LEU A 130 1.49 7.41 -10.04
C LEU A 130 1.96 8.90 -10.08
N LEU A 131 3.01 9.11 -10.83
CA LEU A 131 3.46 10.53 -11.05
C LEU A 131 3.07 10.80 -12.53
N ILE A 132 2.03 11.58 -12.65
CA ILE A 132 1.50 11.96 -13.92
C ILE A 132 1.78 13.47 -14.16
N THR A 133 2.39 13.64 -15.33
CA THR A 133 2.50 15.15 -15.69
C THR A 133 1.25 15.36 -16.51
N GLU A 134 0.36 16.23 -16.11
CA GLU A 134 -0.88 16.48 -16.84
C GLU A 134 -0.69 17.65 -17.83
N ILE A 135 -0.70 17.34 -19.10
CA ILE A 135 -0.50 18.37 -20.13
C ILE A 135 -1.80 18.90 -20.68
N GLU A 136 -1.82 20.24 -20.86
CA GLU A 136 -3.03 20.89 -21.45
C GLU A 136 -2.64 21.69 -22.66
N HIS A 137 -3.53 21.77 -23.66
CA HIS A 137 -3.28 22.50 -24.93
C HIS A 137 -4.63 23.07 -25.39
N PRO A 138 -4.60 24.24 -26.01
CA PRO A 138 -5.82 24.91 -26.47
C PRO A 138 -6.70 24.07 -27.38
N SER A 139 -6.09 23.27 -28.23
CA SER A 139 -6.77 22.44 -29.25
C SER A 139 -6.15 21.05 -29.29
N PRO A 140 -6.45 20.29 -28.24
CA PRO A 140 -5.90 18.94 -28.06
C PRO A 140 -6.18 17.99 -29.18
N GLU A 141 -7.24 18.24 -29.90
CA GLU A 141 -7.72 17.45 -31.04
C GLU A 141 -6.88 17.62 -32.29
N SER A 142 -6.12 18.71 -32.34
CA SER A 142 -5.22 19.00 -33.47
C SER A 142 -3.94 18.20 -33.36
N ILE A 143 -3.69 17.68 -32.16
CA ILE A 143 -2.47 16.85 -31.95
C ILE A 143 -2.82 15.40 -32.29
N GLU A 144 -2.11 14.88 -33.28
CA GLU A 144 -2.31 13.48 -33.69
C GLU A 144 -1.74 12.54 -32.63
N MET A 145 -2.58 11.57 -32.31
CA MET A 145 -2.14 10.58 -31.23
C MET A 145 -2.85 9.26 -31.57
N ASP A 146 -2.17 8.19 -31.31
CA ASP A 146 -2.64 6.84 -31.55
C ASP A 146 -2.55 5.93 -30.32
N THR A 147 -2.05 6.46 -29.24
CA THR A 147 -1.77 5.67 -28.00
C THR A 147 -2.16 6.42 -26.74
N PHE A 148 -2.88 5.76 -25.86
CA PHE A 148 -3.51 6.32 -24.69
C PHE A 148 -3.37 5.42 -23.45
N LEU A 149 -3.51 6.13 -22.32
CA LEU A 149 -3.51 5.43 -21.04
C LEU A 149 -4.96 4.94 -20.81
N LYS A 150 -4.98 3.74 -20.27
CA LYS A 150 -6.32 3.13 -19.92
C LYS A 150 -6.16 2.80 -18.43
N PHE A 151 -6.16 3.91 -17.67
CA PHE A 151 -6.00 3.81 -16.20
C PHE A 151 -7.34 3.95 -15.49
N PRO A 152 -7.53 3.13 -14.45
CA PRO A 152 -8.80 3.19 -13.68
C PRO A 152 -8.70 4.19 -12.56
N LEU A 153 -8.74 5.50 -12.92
CA LEU A 153 -8.52 6.58 -12.01
C LEU A 153 -9.53 6.78 -10.91
N GLU A 154 -10.68 6.10 -11.07
CA GLU A 154 -11.72 6.18 -10.03
C GLU A 154 -11.33 5.48 -8.76
N SER A 155 -10.29 4.66 -8.82
CA SER A 155 -9.70 3.89 -7.75
C SER A 155 -8.44 4.52 -7.17
N TRP A 156 -8.10 5.69 -7.70
CA TRP A 156 -6.90 6.43 -7.23
C TRP A 156 -7.31 7.81 -6.72
N THR A 157 -6.44 8.39 -5.92
CA THR A 157 -6.68 9.72 -5.33
C THR A 157 -5.49 10.67 -5.69
N LYS A 158 -5.91 11.80 -6.27
CA LYS A 158 -4.85 12.81 -6.59
C LYS A 158 -4.48 13.51 -5.28
N GLN A 159 -3.20 13.51 -4.95
CA GLN A 159 -2.81 14.16 -3.62
C GLN A 159 -2.54 15.66 -3.84
N PRO A 160 -2.53 16.41 -2.72
CA PRO A 160 -2.14 17.83 -2.74
C PRO A 160 -0.69 17.96 -3.13
N LYS A 161 -0.28 19.15 -3.63
CA LYS A 161 1.11 19.37 -4.03
C LYS A 161 2.07 19.14 -2.84
N SER A 162 1.64 19.34 -1.62
CA SER A 162 2.53 19.11 -0.46
C SER A 162 3.06 17.67 -0.44
N GLU A 163 2.14 16.74 -0.76
CA GLU A 163 2.56 15.31 -0.80
C GLU A 163 3.50 15.02 -1.91
N LEU A 164 3.29 15.68 -3.07
CA LEU A 164 4.22 15.48 -4.16
C LEU A 164 5.60 15.99 -3.80
N GLN A 165 5.57 17.20 -3.20
CA GLN A 165 6.86 17.82 -2.79
C GLN A 165 7.64 16.88 -1.91
N LYS A 166 7.00 16.29 -0.90
CA LYS A 166 7.60 15.36 0.02
C LYS A 166 8.14 14.13 -0.72
N PHE A 167 7.43 13.69 -1.71
CA PHE A 167 7.84 12.55 -2.55
C PHE A 167 9.17 12.83 -3.24
N VAL A 168 9.27 13.95 -3.95
CA VAL A 168 10.43 14.32 -4.72
C VAL A 168 11.55 14.93 -3.94
N GLY A 169 11.36 15.26 -2.67
CA GLY A 169 12.43 15.85 -1.84
C GLY A 169 12.80 17.24 -2.34
N ASP A 170 14.06 17.45 -2.68
CA ASP A 170 14.66 18.67 -3.14
C ASP A 170 14.23 19.21 -4.51
N THR A 171 13.83 18.35 -5.41
CA THR A 171 13.43 18.79 -6.77
C THR A 171 12.46 19.97 -6.71
N VAL A 172 12.79 20.96 -7.52
CA VAL A 172 11.95 22.20 -7.65
C VAL A 172 10.74 21.87 -8.50
N LEU A 173 9.59 22.24 -7.97
CA LEU A 173 8.31 22.05 -8.64
C LEU A 173 7.64 23.38 -8.99
N GLU A 174 7.81 23.76 -10.24
CA GLU A 174 7.13 25.01 -10.73
C GLU A 174 5.70 24.69 -11.06
N ASP A 175 4.84 25.68 -11.15
CA ASP A 175 3.41 25.49 -11.43
C ASP A 175 3.12 26.07 -12.82
N ASP A 176 2.20 25.42 -13.50
CA ASP A 176 1.74 25.86 -14.82
C ASP A 176 2.87 26.20 -15.78
N ILE A 177 3.74 25.25 -16.02
CA ILE A 177 4.89 25.43 -16.91
C ILE A 177 4.36 25.54 -18.35
N LYS A 178 4.85 26.58 -19.00
CA LYS A 178 4.37 26.73 -20.45
C LYS A 178 5.56 26.57 -21.36
N GLU A 179 5.37 25.79 -22.39
CA GLU A 179 6.33 25.55 -23.47
C GLU A 179 5.57 25.48 -24.79
N GLY A 180 5.68 26.60 -25.52
CA GLY A 180 4.93 26.71 -26.82
C GLY A 180 3.46 26.86 -26.38
N ASP A 181 2.62 26.03 -26.95
CA ASP A 181 1.18 26.07 -26.62
C ASP A 181 0.81 25.17 -25.45
N PHE A 182 1.74 24.35 -25.02
CA PHE A 182 1.44 23.39 -23.91
C PHE A 182 1.66 24.06 -22.56
N THR A 183 0.79 23.71 -21.64
CA THR A 183 0.82 24.10 -20.22
C THR A 183 0.81 22.78 -19.39
N TYR A 184 1.67 22.69 -18.39
CA TYR A 184 1.69 21.40 -17.64
C TYR A 184 2.01 21.54 -16.17
N ASN A 185 1.52 20.51 -15.46
CA ASN A 185 1.73 20.44 -13.98
C ASN A 185 2.10 18.95 -13.64
N TYR A 186 2.81 18.87 -12.58
CA TYR A 186 3.19 17.51 -12.04
C TYR A 186 2.16 17.13 -10.99
N THR A 187 1.74 15.86 -10.97
CA THR A 187 0.76 15.43 -9.91
C THR A 187 1.25 14.07 -9.32
N LEU A 188 0.74 13.75 -8.13
CA LEU A 188 1.02 12.43 -7.49
C LEU A 188 -0.38 11.82 -7.20
N TRP A 189 -0.50 10.53 -7.41
CA TRP A 189 -1.80 9.83 -7.12
C TRP A 189 -1.45 8.57 -6.29
N THR A 190 -2.36 8.26 -5.33
CA THR A 190 -2.12 7.00 -4.52
C THR A 190 -3.44 6.21 -4.55
N ARG A 191 -3.34 4.91 -4.20
CA ARG A 191 -4.62 4.12 -4.30
C ARG A 191 -5.60 4.45 -3.19
N LYS A 192 -6.88 4.45 -3.52
CA LYS A 192 -7.90 4.60 -2.47
C LYS A 192 -7.98 3.33 -1.58
N MET B 1 -8.99 -6.79 -10.48
CA MET B 1 -7.74 -6.93 -9.67
C MET B 1 -8.06 -7.76 -8.42
N LEU B 2 -7.24 -8.77 -8.13
CA LEU B 2 -7.52 -9.57 -6.92
C LEU B 2 -7.15 -8.70 -5.69
N LYS B 3 -8.01 -8.83 -4.70
CA LYS B 3 -7.77 -8.04 -3.44
C LYS B 3 -7.93 -8.95 -2.21
N PRO B 4 -7.13 -8.63 -1.22
CA PRO B 4 -7.20 -9.38 0.08
C PRO B 4 -8.49 -8.99 0.79
N ASN B 5 -8.87 -9.83 1.76
CA ASN B 5 -10.05 -9.63 2.62
C ASN B 5 -9.56 -9.22 4.03
N VAL B 6 -9.80 -7.97 4.30
CA VAL B 6 -9.19 -7.33 5.52
C VAL B 6 -10.17 -6.74 6.50
N ALA B 7 -9.91 -6.93 7.77
CA ALA B 7 -10.72 -6.41 8.88
C ALA B 7 -9.82 -5.89 9.99
N ILE B 8 -10.30 -4.91 10.71
CA ILE B 8 -9.67 -4.40 11.92
C ILE B 8 -10.41 -5.09 13.12
N ILE B 9 -9.62 -5.43 14.08
CA ILE B 9 -10.25 -6.01 15.31
C ILE B 9 -9.63 -5.26 16.52
N VAL B 10 -10.51 -4.75 17.37
CA VAL B 10 -10.07 -3.94 18.52
C VAL B 10 -11.12 -4.06 19.65
N ALA B 11 -10.65 -3.77 20.84
CA ALA B 11 -11.53 -3.72 22.06
C ALA B 11 -11.40 -2.28 22.59
N ALA B 12 -12.51 -1.60 22.77
CA ALA B 12 -12.41 -0.17 23.22
C ALA B 12 -13.41 0.13 24.29
N LEU B 13 -13.10 1.10 25.12
CA LEU B 13 -13.96 1.53 26.22
C LEU B 13 -14.75 2.75 25.77
N LYS B 14 -16.05 2.59 25.86
CA LYS B 14 -17.00 3.63 25.55
C LYS B 14 -17.07 4.59 26.74
N PRO B 15 -17.41 5.85 26.50
CA PRO B 15 -17.77 6.44 25.23
C PRO B 15 -16.64 6.98 24.37
N ALA B 16 -15.47 7.21 24.98
CA ALA B 16 -14.32 7.78 24.32
C ALA B 16 -13.58 6.90 23.34
N LEU B 17 -13.76 5.59 23.36
CA LEU B 17 -13.03 4.68 22.51
C LEU B 17 -11.56 4.60 22.87
N GLY B 18 -11.34 4.55 24.18
CA GLY B 18 -10.01 4.37 24.79
C GLY B 18 -9.51 2.98 24.49
N ILE B 19 -8.28 2.82 24.05
CA ILE B 19 -7.70 1.51 23.76
C ILE B 19 -6.43 1.16 24.50
N GLY B 20 -5.81 2.13 25.24
CA GLY B 20 -4.55 1.77 25.89
C GLY B 20 -4.02 2.82 26.87
N TYR B 21 -3.04 2.37 27.62
CA TYR B 21 -2.40 3.25 28.61
C TYR B 21 -0.99 2.72 28.85
N LYS B 22 -0.04 3.59 28.57
CA LYS B 22 1.39 3.29 28.76
C LYS B 22 1.82 2.05 28.05
N GLY B 23 1.23 1.83 26.88
CA GLY B 23 1.57 0.69 26.03
C GLY B 23 0.87 -0.58 26.38
N LYS B 24 -0.13 -0.51 27.24
CA LYS B 24 -0.88 -1.71 27.65
C LYS B 24 -2.37 -1.44 27.66
N MET B 25 -3.11 -2.53 27.70
CA MET B 25 -4.60 -2.46 27.77
C MET B 25 -4.95 -2.34 29.24
N PRO B 26 -5.79 -1.39 29.57
CA PRO B 26 -6.18 -1.08 30.94
C PRO B 26 -7.09 -2.07 31.61
N TRP B 27 -7.27 -3.23 31.00
CA TRP B 27 -8.16 -4.29 31.49
C TRP B 27 -7.60 -5.67 31.12
N ARG B 28 -8.06 -6.65 31.90
CA ARG B 28 -7.66 -8.05 31.55
C ARG B 28 -9.00 -8.80 31.53
N LEU B 29 -9.52 -8.98 30.35
CA LEU B 29 -10.80 -9.66 30.09
C LEU B 29 -10.52 -11.03 29.46
N ARG B 30 -10.70 -12.04 30.27
CA ARG B 30 -10.42 -13.42 29.89
C ARG B 30 -11.23 -13.95 28.75
N LYS B 31 -12.53 -13.69 28.73
CA LYS B 31 -13.41 -14.17 27.70
C LYS B 31 -13.09 -13.44 26.35
N GLU B 32 -12.84 -12.18 26.47
CA GLU B 32 -12.56 -11.30 25.29
C GLU B 32 -11.28 -11.79 24.63
N ILE B 33 -10.29 -12.14 25.44
CA ILE B 33 -9.01 -12.64 24.88
C ILE B 33 -9.27 -13.93 24.08
N ARG B 34 -10.15 -14.77 24.67
CA ARG B 34 -10.41 -16.05 24.00
C ARG B 34 -11.14 -15.80 22.67
N TYR B 35 -12.02 -14.83 22.67
CA TYR B 35 -12.78 -14.44 21.48
C TYR B 35 -11.76 -14.01 20.38
N PHE B 36 -10.86 -13.15 20.82
CA PHE B 36 -9.80 -12.65 19.91
C PHE B 36 -9.04 -13.86 19.31
N LYS B 37 -8.59 -14.75 20.13
CA LYS B 37 -7.86 -15.96 19.61
C LYS B 37 -8.71 -16.73 18.63
N ASP B 38 -9.94 -17.04 18.97
CA ASP B 38 -10.88 -17.79 18.11
C ASP B 38 -11.17 -17.18 16.74
N VAL B 39 -11.57 -15.93 16.70
CA VAL B 39 -11.90 -15.23 15.45
C VAL B 39 -10.67 -15.06 14.54
N THR B 40 -9.55 -14.65 15.14
CA THR B 40 -8.35 -14.47 14.27
C THR B 40 -7.77 -15.75 13.76
N THR B 41 -8.03 -16.84 14.45
CA THR B 41 -7.49 -18.17 14.07
C THR B 41 -8.37 -18.95 13.17
N ARG B 42 -9.66 -18.89 13.36
CA ARG B 42 -10.64 -19.69 12.61
C ARG B 42 -10.65 -19.42 11.14
N THR B 43 -10.67 -20.53 10.36
CA THR B 43 -10.74 -20.52 8.92
C THR B 43 -11.89 -21.41 8.44
N THR B 44 -12.23 -21.26 7.21
CA THR B 44 -13.33 -21.99 6.55
C THR B 44 -13.05 -23.45 6.27
N LYS B 45 -11.81 -23.76 6.02
CA LYS B 45 -11.32 -25.10 5.69
C LYS B 45 -10.07 -25.44 6.44
N PRO B 46 -9.82 -26.75 6.63
CA PRO B 46 -8.64 -27.20 7.32
C PRO B 46 -7.40 -26.89 6.46
N ASN B 47 -6.29 -26.85 7.11
CA ASN B 47 -4.99 -26.67 6.47
C ASN B 47 -4.89 -25.32 5.75
N THR B 48 -5.57 -24.34 6.30
CA THR B 48 -5.51 -22.94 5.79
C THR B 48 -5.35 -22.02 7.01
N ARG B 49 -4.96 -20.76 6.75
CA ARG B 49 -4.73 -19.90 7.96
C ARG B 49 -5.02 -18.44 7.59
N ASN B 50 -4.95 -17.62 8.65
CA ASN B 50 -5.12 -16.15 8.46
C ASN B 50 -3.79 -15.46 8.79
N ALA B 51 -3.80 -14.15 8.53
CA ALA B 51 -2.66 -13.34 8.91
C ALA B 51 -3.16 -12.28 9.94
N VAL B 52 -2.22 -11.86 10.72
CA VAL B 52 -2.44 -10.74 11.65
C VAL B 52 -1.29 -9.74 11.36
N ILE B 53 -1.63 -8.49 11.24
CA ILE B 53 -0.68 -7.40 11.00
C ILE B 53 -0.76 -6.46 12.26
N MET B 54 0.45 -6.16 12.71
CA MET B 54 0.65 -5.33 13.91
C MET B 54 1.84 -4.38 13.72
N GLY B 55 1.81 -3.31 14.54
CA GLY B 55 2.97 -2.38 14.57
C GLY B 55 4.01 -2.96 15.51
N ARG B 56 5.27 -2.45 15.33
CA ARG B 56 6.41 -2.92 16.17
C ARG B 56 6.17 -2.79 17.67
N LYS B 57 5.57 -1.70 18.09
CA LYS B 57 5.31 -1.52 19.55
C LYS B 57 4.45 -2.60 20.15
N THR B 58 3.45 -3.04 19.48
CA THR B 58 2.55 -4.15 19.95
C THR B 58 3.31 -5.43 19.98
N TRP B 59 4.05 -5.70 18.87
CA TRP B 59 4.88 -6.90 18.80
C TRP B 59 5.81 -6.99 20.03
N GLU B 60 6.57 -5.91 20.23
CA GLU B 60 7.57 -5.92 21.34
C GLU B 60 6.90 -6.05 22.69
N SER B 61 5.63 -5.79 22.79
CA SER B 61 4.87 -5.94 24.05
C SER B 61 4.48 -7.36 24.37
N ILE B 62 4.72 -8.28 23.43
CA ILE B 62 4.36 -9.71 23.63
C ILE B 62 5.67 -10.33 24.19
N PRO B 63 5.51 -10.99 25.31
CA PRO B 63 6.68 -11.70 25.96
C PRO B 63 7.23 -12.66 24.91
N GLN B 64 8.57 -12.68 24.82
CA GLN B 64 9.24 -13.48 23.81
C GLN B 64 8.82 -14.92 23.72
N LYS B 65 8.37 -15.51 24.81
CA LYS B 65 7.95 -16.93 24.82
C LYS B 65 6.56 -17.08 24.19
N PHE B 66 5.81 -15.98 24.13
CA PHE B 66 4.47 -15.96 23.59
C PHE B 66 4.39 -15.51 22.13
N ARG B 67 5.55 -15.35 21.54
CA ARG B 67 5.50 -14.92 20.08
C ARG B 67 6.20 -15.94 19.21
N PRO B 68 5.78 -16.07 17.94
CA PRO B 68 4.70 -15.30 17.35
C PRO B 68 3.36 -15.85 17.88
N LEU B 69 2.32 -15.08 17.57
CA LEU B 69 0.94 -15.59 17.93
C LEU B 69 0.74 -16.84 17.11
N PRO B 70 0.39 -17.93 17.82
CA PRO B 70 0.25 -19.22 17.16
C PRO B 70 -0.85 -19.35 16.16
N ASP B 71 -0.63 -20.19 15.16
CA ASP B 71 -1.53 -20.61 14.11
C ASP B 71 -1.93 -19.55 13.08
N ARG B 72 -1.23 -18.42 13.07
CA ARG B 72 -1.53 -17.29 12.21
C ARG B 72 -0.16 -16.75 11.72
N LEU B 73 -0.22 -16.26 10.51
CA LEU B 73 1.05 -15.64 9.97
C LEU B 73 1.09 -14.26 10.65
N ASN B 74 2.25 -13.94 11.22
CA ASN B 74 2.38 -12.62 11.91
C ASN B 74 3.25 -11.72 10.99
N ILE B 75 2.75 -10.54 10.73
CA ILE B 75 3.41 -9.52 9.91
C ILE B 75 3.63 -8.33 10.89
N ILE B 76 4.89 -7.91 10.94
CA ILE B 76 5.12 -6.77 11.89
C ILE B 76 5.69 -5.59 11.05
N LEU B 77 5.15 -4.41 11.28
CA LEU B 77 5.56 -3.23 10.51
C LEU B 77 6.56 -2.34 11.31
N SER B 78 7.60 -1.93 10.62
CA SER B 78 8.55 -0.96 11.27
C SER B 78 9.14 -0.14 10.11
N ARG B 79 9.34 1.15 10.39
CA ARG B 79 9.95 2.02 9.37
C ARG B 79 11.40 1.68 9.17
N SER B 80 12.03 0.97 10.05
CA SER B 80 13.43 0.57 9.99
C SER B 80 13.66 -0.80 9.39
N TYR B 81 12.56 -1.51 9.05
CA TYR B 81 12.70 -2.82 8.48
C TYR B 81 12.85 -2.78 6.97
N GLU B 82 13.49 -3.87 6.55
CA GLU B 82 13.58 -4.19 5.11
C GLU B 82 12.54 -5.35 4.99
N ASN B 83 11.82 -5.39 3.91
CA ASN B 83 10.83 -6.51 3.71
C ASN B 83 11.58 -7.84 3.79
N GLU B 84 11.16 -8.70 4.70
CA GLU B 84 11.88 -10.00 4.84
C GLU B 84 10.97 -11.08 5.48
N ILE B 85 11.11 -12.25 4.89
CA ILE B 85 10.37 -13.41 5.51
C ILE B 85 11.39 -14.09 6.46
N ILE B 86 11.07 -14.00 7.73
CA ILE B 86 11.95 -14.57 8.75
C ILE B 86 11.78 -16.11 8.70
N ASP B 87 10.54 -16.49 8.79
CA ASP B 87 10.22 -17.98 8.68
C ASP B 87 8.77 -18.07 8.15
N ASP B 88 8.18 -19.25 8.28
CA ASP B 88 6.79 -19.43 7.81
C ASP B 88 5.76 -18.65 8.61
N ASN B 89 6.03 -18.28 9.81
CA ASN B 89 5.11 -17.56 10.72
C ASN B 89 5.40 -16.09 10.90
N ILE B 90 6.56 -15.62 10.50
CA ILE B 90 6.97 -14.22 10.75
C ILE B 90 7.53 -13.54 9.53
N ILE B 91 6.91 -12.34 9.26
CA ILE B 91 7.33 -11.48 8.16
C ILE B 91 7.48 -10.03 8.77
N HIS B 92 8.51 -9.41 8.25
CA HIS B 92 8.80 -7.94 8.60
C HIS B 92 8.47 -7.14 7.37
N ALA B 93 7.75 -6.06 7.47
CA ALA B 93 7.31 -5.23 6.37
C ALA B 93 7.71 -3.74 6.69
N SER B 94 8.13 -3.09 5.60
CA SER B 94 8.60 -1.67 5.78
C SER B 94 7.55 -0.64 5.51
N SER B 95 6.37 -1.00 5.01
CA SER B 95 5.29 -0.04 4.71
C SER B 95 3.96 -0.77 4.77
N ILE B 96 2.89 -0.01 4.85
CA ILE B 96 1.56 -0.64 4.80
C ILE B 96 1.32 -1.38 3.48
N GLU B 97 1.73 -0.64 2.46
CA GLU B 97 1.50 -1.16 1.05
C GLU B 97 2.16 -2.50 0.90
N SER B 98 3.41 -2.62 1.36
CA SER B 98 4.13 -3.88 1.29
C SER B 98 3.40 -4.99 2.07
N SER B 99 3.00 -4.59 3.30
CA SER B 99 2.34 -5.60 4.20
C SER B 99 1.13 -6.23 3.53
N LEU B 100 0.37 -5.44 2.80
CA LEU B 100 -0.79 -5.90 2.04
C LEU B 100 -0.39 -6.69 0.80
N ASN B 101 0.84 -6.71 0.43
CA ASN B 101 1.41 -7.49 -0.65
C ASN B 101 2.02 -8.80 -0.19
N LEU B 102 2.08 -9.02 1.14
CA LEU B 102 2.68 -10.22 1.73
C LEU B 102 1.64 -11.19 2.31
N VAL B 103 0.42 -11.08 1.82
CA VAL B 103 -0.66 -11.99 2.33
C VAL B 103 -1.24 -12.87 1.23
N SER B 104 -0.41 -13.37 0.33
CA SER B 104 -0.96 -14.14 -0.84
C SER B 104 -1.45 -15.54 -0.48
N ASP B 105 -1.00 -16.06 0.60
CA ASP B 105 -1.22 -17.45 1.03
C ASP B 105 -2.23 -17.61 2.14
N VAL B 106 -2.94 -16.58 2.58
CA VAL B 106 -3.89 -16.64 3.67
C VAL B 106 -5.31 -16.44 3.26
N GLU B 107 -6.22 -16.74 4.17
CA GLU B 107 -7.63 -16.57 3.96
C GLU B 107 -8.10 -15.16 4.34
N ARG B 108 -8.04 -14.80 5.60
CA ARG B 108 -8.47 -13.39 5.94
C ARG B 108 -7.21 -12.72 6.54
N VAL B 109 -7.24 -11.40 6.50
CA VAL B 109 -6.18 -10.57 7.08
C VAL B 109 -6.78 -9.77 8.24
N PHE B 110 -6.26 -9.81 9.42
CA PHE B 110 -6.72 -9.00 10.55
C PHE B 110 -5.66 -7.94 10.96
N ILE B 111 -6.16 -6.72 11.13
CA ILE B 111 -5.21 -5.65 11.63
C ILE B 111 -5.43 -5.66 13.16
N ILE B 112 -4.36 -6.02 13.89
CA ILE B 112 -4.65 -6.13 15.35
C ILE B 112 -4.10 -5.02 16.19
N GLY B 113 -3.59 -3.94 15.61
CA GLY B 113 -3.11 -2.80 16.45
C GLY B 113 -1.64 -2.43 16.15
N GLY B 114 -1.14 -1.41 16.88
CA GLY B 114 -1.85 -0.62 17.91
C GLY B 114 -2.44 0.63 17.25
N ALA B 115 -2.57 1.70 18.04
CA ALA B 115 -3.20 2.94 17.63
C ALA B 115 -2.75 3.52 16.33
N GLU B 116 -1.43 3.62 16.14
CA GLU B 116 -0.90 4.24 14.92
C GLU B 116 -1.31 3.44 13.69
N ILE B 117 -1.17 2.12 13.83
CA ILE B 117 -1.61 1.28 12.61
C ILE B 117 -3.07 1.44 12.37
N TYR B 118 -3.88 1.33 13.42
CA TYR B 118 -5.33 1.50 13.27
C TYR B 118 -5.64 2.82 12.53
N ASN B 119 -5.00 3.86 13.01
CA ASN B 119 -5.34 5.21 12.46
C ASN B 119 -4.89 5.30 11.02
N GLU B 120 -3.92 4.55 10.61
CA GLU B 120 -3.41 4.54 9.25
C GLU B 120 -4.24 3.65 8.30
N LEU B 121 -4.82 2.58 8.84
CA LEU B 121 -5.61 1.67 8.00
C LEU B 121 -7.03 1.91 7.82
N ILE B 122 -7.65 2.68 8.73
CA ILE B 122 -9.07 2.92 8.82
C ILE B 122 -9.69 3.45 7.53
N ASN B 123 -8.93 4.27 6.87
CA ASN B 123 -9.43 4.85 5.59
C ASN B 123 -9.02 4.13 4.35
N ASN B 124 -8.37 2.99 4.45
CA ASN B 124 -7.91 2.23 3.27
C ASN B 124 -9.13 1.45 2.74
N SER B 125 -9.44 1.61 1.48
CA SER B 125 -10.61 0.92 0.89
C SER B 125 -10.52 -0.58 1.02
N LEU B 126 -9.38 -1.16 1.28
CA LEU B 126 -9.25 -2.62 1.42
C LEU B 126 -9.84 -3.11 2.76
N VAL B 127 -9.93 -2.21 3.70
CA VAL B 127 -10.56 -2.62 5.04
C VAL B 127 -12.06 -2.53 4.89
N SER B 128 -12.75 -3.71 4.99
CA SER B 128 -14.20 -3.69 4.77
C SER B 128 -15.07 -4.06 5.94
N HIS B 129 -14.41 -4.40 7.05
CA HIS B 129 -15.09 -4.71 8.32
C HIS B 129 -14.32 -4.18 9.54
N LEU B 130 -15.04 -3.71 10.57
CA LEU B 130 -14.46 -3.40 11.85
C LEU B 130 -15.15 -4.35 12.90
N LEU B 131 -14.27 -5.08 13.55
CA LEU B 131 -14.84 -5.94 14.67
C LEU B 131 -14.44 -5.20 15.95
N ILE B 132 -15.44 -4.51 16.56
CA ILE B 132 -15.18 -3.74 17.73
C ILE B 132 -15.88 -4.41 18.97
N THR B 133 -15.01 -4.70 19.93
CA THR B 133 -15.67 -5.14 21.23
C THR B 133 -15.96 -3.82 22.00
N GLU B 134 -17.22 -3.53 22.23
CA GLU B 134 -17.60 -2.29 22.95
C GLU B 134 -17.72 -2.61 24.45
N ILE B 135 -16.78 -2.00 25.17
CA ILE B 135 -16.70 -2.19 26.63
C ILE B 135 -17.36 -1.05 27.35
N GLU B 136 -18.02 -1.41 28.45
CA GLU B 136 -18.70 -0.34 29.28
C GLU B 136 -18.33 -0.61 30.73
N HIS B 137 -18.27 0.47 31.49
CA HIS B 137 -17.89 0.41 32.93
C HIS B 137 -18.71 1.46 33.68
N PRO B 138 -19.02 1.25 34.95
CA PRO B 138 -19.80 2.22 35.72
C PRO B 138 -19.21 3.61 35.76
N SER B 139 -17.92 3.78 35.82
CA SER B 139 -17.25 5.11 35.85
C SER B 139 -15.97 5.06 35.04
N PRO B 140 -16.17 5.18 33.72
CA PRO B 140 -15.10 5.12 32.73
C PRO B 140 -13.98 6.12 32.92
N GLU B 141 -14.29 7.24 33.55
CA GLU B 141 -13.29 8.30 33.84
C GLU B 141 -12.26 7.84 34.87
N SER B 142 -12.60 6.78 35.59
CA SER B 142 -11.73 6.19 36.61
C SER B 142 -10.63 5.34 35.97
N ILE B 143 -10.84 4.98 34.69
CA ILE B 143 -9.87 4.15 33.98
C ILE B 143 -8.93 5.12 33.21
N GLU B 144 -7.67 4.96 33.54
CA GLU B 144 -6.61 5.79 33.00
C GLU B 144 -6.21 5.41 31.60
N MET B 145 -6.21 6.40 30.70
CA MET B 145 -5.74 6.14 29.33
C MET B 145 -5.16 7.31 28.56
N ASP B 146 -4.32 6.92 27.58
CA ASP B 146 -3.62 7.86 26.70
C ASP B 146 -3.72 7.61 25.21
N THR B 147 -4.31 6.54 24.81
CA THR B 147 -4.39 6.11 23.38
C THR B 147 -5.84 5.83 23.03
N PHE B 148 -6.28 6.35 21.92
CA PHE B 148 -7.68 6.27 21.49
C PHE B 148 -7.82 6.00 19.99
N LEU B 149 -9.03 5.55 19.66
CA LEU B 149 -9.38 5.29 18.28
C LEU B 149 -9.88 6.63 17.69
N LYS B 150 -9.51 6.83 16.45
CA LYS B 150 -9.93 8.05 15.71
C LYS B 150 -10.60 7.56 14.41
N PHE B 151 -11.76 6.92 14.62
CA PHE B 151 -12.54 6.39 13.50
C PHE B 151 -13.77 7.25 13.21
N PRO B 152 -14.01 7.44 11.94
CA PRO B 152 -15.19 8.26 11.50
C PRO B 152 -16.38 7.29 11.43
N LEU B 153 -16.81 6.92 12.64
CA LEU B 153 -17.87 5.98 12.88
C LEU B 153 -19.15 6.30 12.15
N GLU B 154 -19.35 7.56 11.81
CA GLU B 154 -20.50 8.00 11.03
C GLU B 154 -20.46 7.54 9.57
N SER B 155 -19.32 7.11 9.11
CA SER B 155 -19.09 6.57 7.75
C SER B 155 -19.14 5.03 7.75
N TRP B 156 -19.50 4.48 8.89
CA TRP B 156 -19.64 3.01 9.07
C TRP B 156 -21.04 2.75 9.64
N THR B 157 -21.48 1.51 9.47
CA THR B 157 -22.82 1.09 9.93
C THR B 157 -22.63 -0.17 10.78
N LYS B 158 -23.25 -0.10 11.96
CA LYS B 158 -23.14 -1.32 12.82
C LYS B 158 -24.20 -2.30 12.33
N GLN B 159 -23.81 -3.51 12.07
CA GLN B 159 -24.64 -4.60 11.59
C GLN B 159 -25.28 -5.38 12.72
N PRO B 160 -26.38 -6.06 12.35
CA PRO B 160 -27.10 -6.91 13.32
C PRO B 160 -26.15 -8.05 13.69
N LYS B 161 -26.42 -8.58 14.89
CA LYS B 161 -25.68 -9.72 15.43
C LYS B 161 -25.66 -10.87 14.44
N SER B 162 -26.78 -11.07 13.71
CA SER B 162 -26.83 -12.16 12.74
C SER B 162 -25.67 -12.06 11.74
N GLU B 163 -25.27 -10.87 11.42
CA GLU B 163 -24.16 -10.66 10.42
C GLU B 163 -22.82 -10.99 11.03
N LEU B 164 -22.71 -10.62 12.34
CA LEU B 164 -21.44 -11.01 13.00
C LEU B 164 -21.41 -12.51 13.12
N GLN B 165 -22.59 -13.09 13.43
CA GLN B 165 -22.63 -14.57 13.62
C GLN B 165 -22.22 -15.26 12.32
N LYS B 166 -22.56 -14.74 11.18
CA LYS B 166 -22.15 -15.32 9.90
C LYS B 166 -20.64 -15.20 9.73
N PHE B 167 -20.11 -14.08 10.17
CA PHE B 167 -18.63 -13.85 10.05
C PHE B 167 -17.84 -14.85 10.88
N VAL B 168 -18.25 -15.07 12.12
CA VAL B 168 -17.54 -15.90 13.07
C VAL B 168 -17.80 -17.39 12.99
N GLY B 169 -18.76 -17.81 12.20
CA GLY B 169 -19.09 -19.26 12.06
C GLY B 169 -19.75 -19.75 13.37
N ASP B 170 -19.16 -20.83 13.86
CA ASP B 170 -19.58 -21.52 15.08
C ASP B 170 -19.28 -20.87 16.40
N THR B 171 -18.49 -19.81 16.44
CA THR B 171 -18.14 -19.12 17.67
C THR B 171 -19.42 -18.70 18.43
N VAL B 172 -19.42 -18.93 19.73
CA VAL B 172 -20.54 -18.59 20.61
C VAL B 172 -20.42 -17.07 20.92
N LEU B 173 -21.47 -16.37 20.67
CA LEU B 173 -21.54 -14.92 20.91
C LEU B 173 -22.52 -14.63 22.04
N GLU B 174 -22.03 -14.50 23.25
CA GLU B 174 -22.88 -14.18 24.41
C GLU B 174 -23.04 -12.65 24.46
N ASP B 175 -24.16 -12.16 24.88
CA ASP B 175 -24.50 -10.73 24.99
C ASP B 175 -24.19 -10.24 26.43
N ASP B 176 -23.81 -9.00 26.51
CA ASP B 176 -23.60 -8.28 27.80
C ASP B 176 -22.79 -9.10 28.78
N ILE B 177 -21.61 -9.47 28.30
CA ILE B 177 -20.67 -10.28 29.13
C ILE B 177 -20.15 -9.40 30.29
N LYS B 178 -20.15 -10.00 31.48
CA LYS B 178 -19.61 -9.34 32.67
C LYS B 178 -18.32 -9.95 33.16
N GLU B 179 -17.31 -9.12 33.43
CA GLU B 179 -16.07 -9.60 34.06
C GLU B 179 -15.64 -8.48 35.03
N GLY B 180 -15.81 -8.73 36.32
CA GLY B 180 -15.48 -7.60 37.29
C GLY B 180 -16.54 -6.53 37.02
N ASP B 181 -16.11 -5.29 36.92
CA ASP B 181 -16.97 -4.14 36.71
C ASP B 181 -17.23 -3.86 35.21
N PHE B 182 -16.57 -4.59 34.37
CA PHE B 182 -16.80 -4.32 32.90
C PHE B 182 -17.94 -5.18 32.38
N THR B 183 -18.59 -4.57 31.35
CA THR B 183 -19.70 -5.27 30.65
C THR B 183 -19.39 -5.00 29.13
N TYR B 184 -19.42 -6.06 28.34
CA TYR B 184 -19.06 -5.84 26.91
C TYR B 184 -19.83 -6.72 25.95
N ASN B 185 -19.83 -6.25 24.69
CA ASN B 185 -20.48 -6.91 23.55
C ASN B 185 -19.57 -6.86 22.28
N TYR B 186 -19.74 -7.90 21.50
CA TYR B 186 -19.00 -8.00 20.19
C TYR B 186 -19.79 -7.34 19.14
N THR B 187 -19.23 -6.58 18.21
CA THR B 187 -19.95 -5.90 17.16
C THR B 187 -19.28 -6.02 15.80
N LEU B 188 -20.07 -5.80 14.78
CA LEU B 188 -19.53 -5.86 13.40
C LEU B 188 -19.98 -4.60 12.64
N TRP B 189 -19.04 -3.98 11.92
CA TRP B 189 -19.40 -2.73 11.18
C TRP B 189 -18.93 -2.87 9.75
N THR B 190 -19.69 -2.28 8.83
CA THR B 190 -19.34 -2.21 7.40
C THR B 190 -19.49 -0.76 6.93
N ARG B 191 -18.89 -0.43 5.83
CA ARG B 191 -18.90 0.93 5.27
C ARG B 191 -20.24 1.40 4.78
N LYS B 192 -20.46 2.70 4.89
CA LYS B 192 -21.69 3.35 4.42
C LYS B 192 -21.49 3.70 2.93
PA NDP C . 6.52 -0.79 -24.78
O1A NDP C . 5.37 -0.77 -23.96
O2A NDP C . 7.69 0.07 -24.47
O5B NDP C . 7.01 -2.23 -25.22
C5B NDP C . 6.00 -3.30 -25.34
C4B NDP C . 6.77 -4.57 -25.34
O4B NDP C . 7.18 -4.82 -23.93
C3B NDP C . 6.02 -5.87 -25.77
O3B NDP C . 6.13 -5.98 -27.21
C2B NDP C . 6.77 -6.95 -24.93
O2B NDP C . 8.10 -7.37 -25.34
C1B NDP C . 7.03 -6.19 -23.66
N9A NDP C . 6.01 -6.36 -22.69
C8A NDP C . 4.82 -5.67 -22.68
N7A NDP C . 4.08 -6.00 -21.64
C5A NDP C . 4.82 -6.97 -21.02
C6A NDP C . 4.53 -7.68 -19.84
N6A NDP C . 3.36 -7.48 -19.22
N1A NDP C . 5.44 -8.59 -19.45
C2A NDP C . 6.60 -8.71 -20.15
N3A NDP C . 6.98 -8.11 -21.24
C4A NDP C . 6.02 -7.18 -21.61
O3 NDP C . 5.96 -0.25 -26.20
PN NDP C . 4.63 0.33 -26.78
O1N NDP C . 4.78 0.30 -28.26
O2N NDP C . 3.37 -0.26 -26.28
O5D NDP C . 4.65 1.88 -26.31
C5D NDP C . 5.44 2.86 -27.01
C4D NDP C . 4.68 4.17 -27.01
O4D NDP C . 4.59 4.72 -25.65
C3D NDP C . 5.28 5.28 -27.88
O3D NDP C . 4.28 6.05 -28.54
C2D NDP C . 6.04 6.10 -26.80
O2D NDP C . 6.24 7.44 -27.27
C1D NDP C . 5.07 6.05 -25.63
N1N NDP C . 5.72 6.41 -24.34
C2N NDP C . 5.20 7.58 -23.76
C3N NDP C . 5.72 8.03 -22.58
C7N NDP C . 5.09 9.33 -21.97
O7N NDP C . 5.39 9.74 -20.92
N7N NDP C . 4.13 9.99 -22.74
C4N NDP C . 6.78 7.35 -21.89
C5N NDP C . 7.22 6.21 -22.58
C6N NDP C . 6.75 5.70 -23.74
P2B NDP C . 8.13 -8.64 -26.43
O1X NDP C . 9.59 -8.68 -26.72
O2X NDP C . 7.50 -9.69 -25.52
O3X NDP C . 7.22 -8.19 -27.45
C1 TQ4 D . 9.27 11.55 -19.71
C2 TQ4 D . 9.29 10.13 -19.70
C3 TQ4 D . 8.40 9.49 -18.68
N4 TQ4 D . 7.67 10.14 -17.89
C5 TQ4 D . 7.67 11.50 -17.86
N6 TQ4 D . 8.42 12.24 -18.79
N7 TQ4 D . 8.25 8.16 -18.50
C8 TQ4 D . 10.07 12.29 -20.59
C9 TQ4 D . 10.89 11.63 -21.47
C12 TQ4 D . 10.97 10.23 -21.45
C13 TQ4 D . 10.18 9.50 -20.58
N14 TQ4 D . 6.95 12.19 -17.03
S20 TQ4 D . 10.44 7.75 -20.61
C22 TQ4 D . 11.10 7.42 -22.19
C23 TQ4 D . 10.31 7.61 -23.31
C24 TQ4 D . 10.83 7.28 -24.57
C25 TQ4 D . 12.10 6.73 -24.72
C26 TQ4 D . 12.85 6.50 -23.58
C27 TQ4 D . 12.36 6.84 -22.30
C32 TQ4 D . 12.63 6.35 -26.11
O1 MES E . 13.80 9.63 -24.72
C2 MES E . 15.18 8.96 -24.41
C3 MES E . 15.53 9.16 -22.91
N4 MES E . 15.64 10.66 -22.57
C5 MES E . 14.39 11.45 -23.03
C6 MES E . 13.94 11.16 -24.47
C7 MES E . 15.94 10.92 -21.08
C8 MES E . 17.23 10.37 -20.51
S MES E . 17.50 10.93 -19.24
O1S MES E . 16.71 10.40 -18.17
O2S MES E . 18.88 10.50 -18.89
O3S MES E . 17.46 12.38 -19.24
PA NDP F . 1.76 0.38 17.25
O1A NDP F . 0.81 0.94 16.33
O2A NDP F . 1.72 -0.95 17.86
O5B NDP F . 3.26 0.46 16.59
C5B NDP F . 3.59 1.74 15.95
C4B NDP F . 4.85 1.49 15.16
O4B NDP F . 4.62 0.72 14.01
C3B NDP F . 5.59 2.76 14.69
O3B NDP F . 6.35 3.23 15.86
C2B NDP F . 6.46 2.09 13.57
O2B NDP F . 7.55 1.27 14.02
C1B NDP F . 5.42 1.09 12.94
N9A NDP F . 4.68 1.73 11.92
C8A NDP F . 3.58 2.52 11.99
N7A NDP F . 3.18 3.00 10.84
C5A NDP F . 4.03 2.41 9.92
C6A NDP F . 4.13 2.50 8.51
N6A NDP F . 3.34 3.25 7.72
N1A NDP F . 5.15 1.82 8.01
C2A NDP F . 6.04 1.04 8.68
N3A NDP F . 6.00 0.94 10.06
C4A NDP F . 4.96 1.64 10.53
O3 NDP F . 1.99 1.33 18.51
PN NDP F . 1.11 2.41 19.32
O1N NDP F . 1.98 2.99 20.41
O2N NDP F . 0.59 3.44 18.40
O5D NDP F . -0.06 1.56 20.02
C5D NDP F . 0.26 0.84 21.24
C4D NDP F . -0.96 0.92 22.12
O4D NDP F . -2.11 0.32 21.44
C3D NDP F . -0.81 0.20 23.47
O3D NDP F . -1.39 0.95 24.54
C2D NDP F . -1.49 -1.12 23.12
O2D NDP F . -1.86 -1.87 24.27
C1D NDP F . -2.67 -0.63 22.31
N1N NDP F . -3.41 -1.74 21.63
C2N NDP F . -4.77 -1.82 21.99
C3N NDP F . -5.55 -2.77 21.44
C7N NDP F . -7.04 -2.95 21.85
O7N NDP F . -7.65 -3.78 21.20
N7N NDP F . -7.55 -2.12 22.79
C4N NDP F . -5.05 -3.73 20.49
C5N NDP F . -3.68 -3.54 20.19
C6N NDP F . -2.83 -2.60 20.70
P2B NDP F . 9.05 1.98 14.15
O1X NDP F . 9.85 0.75 14.53
O2X NDP F . 9.24 2.61 12.85
O3X NDP F . 8.94 2.96 15.26
C1 TQ4 G . -7.66 -8.32 21.87
C2 TQ4 G . -6.75 -7.80 20.93
C3 TQ4 G . -7.36 -7.12 19.77
N4 TQ4 G . -8.63 -6.97 19.59
C5 TQ4 G . -9.50 -7.49 20.46
N6 TQ4 G . -9.03 -8.08 21.65
N7 TQ4 G . -6.73 -6.50 18.74
C8 TQ4 G . -7.25 -9.00 23.05
C9 TQ4 G . -5.86 -9.15 23.24
C12 TQ4 G . -4.93 -8.67 22.35
C13 TQ4 G . -5.40 -7.99 21.19
N14 TQ4 G . -10.79 -7.40 20.31
S20 TQ4 G . -4.21 -7.47 19.99
C22 TQ4 G . -2.76 -7.40 20.97
C23 TQ4 G . -2.59 -6.44 21.97
C24 TQ4 G . -1.41 -6.43 22.71
C25 TQ4 G . -0.40 -7.33 22.48
C26 TQ4 G . -0.58 -8.31 21.48
C27 TQ4 G . -1.77 -8.32 20.73
C32 TQ4 G . 0.92 -7.41 23.29
O1 MES H . -1.78 -9.66 24.88
C2 MES H . -0.74 -10.58 24.21
C3 MES H . -1.40 -11.54 23.20
N4 MES H . -2.60 -12.31 23.75
C5 MES H . -3.53 -11.52 24.65
C6 MES H . -2.90 -10.48 25.56
C7 MES H . -3.40 -13.04 22.61
C8 MES H . -2.71 -14.31 22.14
S MES H . -3.56 -15.23 21.52
O1S MES H . -4.30 -14.78 20.41
O2S MES H . -2.64 -16.26 20.98
O3S MES H . -4.45 -15.90 22.47
#